data_1OYB
#
_entry.id   1OYB
#
_cell.length_a   142.880
_cell.length_b   142.880
_cell.length_c   43.010
_cell.angle_alpha   90.00
_cell.angle_beta   90.00
_cell.angle_gamma   90.00
#
_symmetry.space_group_name_H-M   'P 43 21 2'
#
loop_
_entity.id
_entity.type
_entity.pdbx_description
1 polymer 'OLD YELLOW ENZYME'
2 non-polymer 'FLAVIN MONONUCLEOTIDE'
3 non-polymer P-HYDROXYBENZALDEHYDE
4 water water
#
_entity_poly.entity_id   1
_entity_poly.type   'polypeptide(L)'
_entity_poly.pdbx_seq_one_letter_code
;MSFVKDFKPQALGDTNLFKPIKIGNNELLHRAVIPPLTRMRALHPGNIPNRDWAVEYYTQRAQRPGTMIITEGAFISPQA
GGYDNAPGVWSEEQMVEWTKIFNAIHEKKSFVWVQLWVLGWAAFPDNLARDGLRYDSASDNVFMDAEQEAKAKKANNPQH
SLTKDEIKQYIKEYVQAAKNSIAAGADGVEIHSANGYLLNQFLDPHSNTRTDEYGGSIENRARFTLEVVDALVEAIGHEK
VGLRLSPYGVFNSMSGGAETGIVAQYAYVAGELEKRAKAGKRLAFVHLVEPRVTNPFLTEGEGEYEGGSNDFVYSIWKGP
VIRAGNFALHPEVVREEVKDKRTLIGYGRFFISNPDLVDRLEKGLPLNKYDRDTFYQMSAHGYIDYPTYEEALKLGWDKK
;
_entity_poly.pdbx_strand_id   A
#
# COMPACT_ATOMS: atom_id res chain seq x y z
N SER A 2 15.41 -13.01 17.54
CA SER A 2 16.85 -12.86 17.43
C SER A 2 17.01 -11.86 16.31
N PHE A 3 18.26 -11.46 16.18
CA PHE A 3 18.63 -10.60 15.09
C PHE A 3 18.78 -11.43 13.81
N VAL A 4 18.68 -10.82 12.60
CA VAL A 4 18.92 -11.48 11.33
C VAL A 4 20.43 -11.87 11.33
N LYS A 5 20.62 -13.15 11.00
CA LYS A 5 21.87 -13.85 11.03
C LYS A 5 23.03 -13.51 10.17
N ASP A 6 23.18 -13.69 8.85
CA ASP A 6 24.52 -13.34 8.33
C ASP A 6 24.51 -11.98 7.59
N PHE A 7 23.60 -11.14 8.10
CA PHE A 7 23.39 -9.83 7.57
C PHE A 7 24.45 -8.91 8.13
N LYS A 8 25.29 -8.24 7.30
CA LYS A 8 26.25 -7.23 7.78
C LYS A 8 25.56 -5.88 7.53
N PRO A 9 25.09 -5.14 8.54
CA PRO A 9 24.43 -3.89 8.35
C PRO A 9 25.38 -2.80 7.99
N GLN A 10 24.81 -1.72 7.52
CA GLN A 10 25.58 -0.65 7.01
C GLN A 10 24.80 0.55 7.45
N ALA A 11 25.53 1.50 7.98
CA ALA A 11 25.01 2.74 8.47
C ALA A 11 24.69 3.65 7.31
N LEU A 12 23.53 4.32 7.32
CA LEU A 12 23.06 5.04 6.12
C LEU A 12 22.76 6.49 6.42
N GLY A 13 23.22 6.95 7.58
CA GLY A 13 23.01 8.32 8.01
C GLY A 13 23.79 9.34 7.18
N ASP A 14 24.79 8.90 6.39
CA ASP A 14 25.47 9.82 5.50
C ASP A 14 24.85 9.85 4.12
N THR A 15 23.64 9.40 3.89
CA THR A 15 23.12 9.38 2.57
C THR A 15 21.96 10.31 2.62
N ASN A 16 21.35 10.52 1.46
CA ASN A 16 20.12 11.27 1.31
C ASN A 16 18.97 10.60 1.98
N LEU A 17 18.95 9.38 2.46
CA LEU A 17 17.82 8.85 3.21
C LEU A 17 17.56 9.70 4.49
N PHE A 18 18.58 10.42 4.99
CA PHE A 18 18.44 11.23 6.19
C PHE A 18 18.41 12.72 5.87
N LYS A 19 18.16 13.15 4.65
CA LYS A 19 17.99 14.54 4.34
C LYS A 19 16.47 14.73 4.34
N PRO A 20 16.02 15.86 4.85
CA PRO A 20 14.60 16.24 4.80
C PRO A 20 13.91 16.31 3.43
N ILE A 21 12.58 16.17 3.26
CA ILE A 21 11.96 16.38 1.95
C ILE A 21 10.53 16.76 2.19
N LYS A 22 9.80 17.44 1.34
CA LYS A 22 8.40 17.83 1.57
C LYS A 22 7.60 16.97 0.66
N ILE A 23 6.56 16.35 1.18
CA ILE A 23 5.71 15.41 0.44
C ILE A 23 4.34 15.94 0.74
N GLY A 24 3.57 16.44 -0.20
CA GLY A 24 2.27 17.01 0.11
C GLY A 24 2.50 18.20 1.02
N ASN A 25 1.82 18.21 2.16
CA ASN A 25 1.94 19.26 3.15
C ASN A 25 2.97 18.89 4.18
N ASN A 26 3.67 17.78 4.10
CA ASN A 26 4.41 17.34 5.26
C ASN A 26 5.87 17.50 5.07
N GLU A 27 6.60 17.90 6.07
CA GLU A 27 8.02 18.09 5.93
C GLU A 27 8.60 16.90 6.70
N LEU A 28 9.03 15.90 5.95
CA LEU A 28 9.53 14.67 6.48
C LEU A 28 10.92 15.00 6.85
N LEU A 29 11.37 14.38 7.90
CA LEU A 29 12.73 14.60 8.34
C LEU A 29 13.71 13.56 7.84
N HIS A 30 13.27 12.49 7.15
CA HIS A 30 14.13 11.43 6.60
C HIS A 30 13.24 10.76 5.53
N ARG A 31 13.74 9.85 4.74
CA ARG A 31 13.00 9.37 3.59
C ARG A 31 12.67 7.88 3.64
N ALA A 32 12.57 7.26 4.83
CA ALA A 32 12.36 5.81 5.06
C ALA A 32 10.89 5.84 5.36
N VAL A 33 10.00 5.32 4.52
CA VAL A 33 8.57 5.46 4.85
C VAL A 33 8.03 4.12 5.19
N ILE A 34 6.92 4.04 5.93
CA ILE A 34 6.31 2.78 6.29
C ILE A 34 5.27 2.58 5.16
N PRO A 35 5.41 1.59 4.30
CA PRO A 35 4.46 1.30 3.22
C PRO A 35 3.21 0.70 3.83
N PRO A 36 2.06 0.68 3.17
CA PRO A 36 0.82 0.09 3.71
C PRO A 36 0.98 -1.35 4.13
N LEU A 37 0.66 -1.85 5.34
CA LEU A 37 0.84 -3.26 5.62
C LEU A 37 -0.42 -3.83 6.35
N THR A 38 -1.28 -4.63 5.69
CA THR A 38 -2.44 -5.36 6.30
C THR A 38 -1.99 -6.26 7.43
N ARG A 39 -2.63 -6.16 8.59
CA ARG A 39 -2.22 -7.00 9.69
C ARG A 39 -3.45 -7.73 10.22
N MET A 40 -4.65 -7.54 9.67
CA MET A 40 -5.82 -8.33 10.09
C MET A 40 -6.17 -8.42 11.60
N ARG A 41 -5.95 -7.29 12.29
CA ARG A 41 -6.32 -7.19 13.67
C ARG A 41 -7.61 -6.38 13.74
N ALA A 42 -8.33 -5.97 12.66
CA ALA A 42 -9.52 -5.18 12.91
C ALA A 42 -10.63 -6.14 13.40
N LEU A 43 -11.59 -5.58 14.10
CA LEU A 43 -12.69 -6.32 14.73
C LEU A 43 -13.96 -6.52 13.90
N HIS A 44 -14.46 -7.71 13.99
CA HIS A 44 -15.66 -8.13 13.30
C HIS A 44 -16.78 -8.20 14.34
N PRO A 45 -18.04 -7.76 14.16
CA PRO A 45 -18.54 -7.18 12.93
C PRO A 45 -18.14 -5.71 12.91
N GLY A 46 -18.16 -5.11 11.74
CA GLY A 46 -17.98 -3.66 11.68
C GLY A 46 -16.70 -3.22 11.00
N ASN A 47 -15.69 -4.11 10.89
CA ASN A 47 -14.37 -3.83 10.32
C ASN A 47 -13.77 -2.68 11.08
N ILE A 48 -13.79 -2.76 12.41
CA ILE A 48 -13.48 -1.63 13.28
C ILE A 48 -11.98 -1.74 13.52
N PRO A 49 -11.16 -0.68 13.39
CA PRO A 49 -9.72 -0.72 13.77
C PRO A 49 -9.58 -1.31 15.19
N ASN A 50 -8.57 -2.08 15.54
CA ASN A 50 -8.50 -2.80 16.79
C ASN A 50 -8.48 -1.89 17.99
N ARG A 51 -9.47 -2.05 18.85
CA ARG A 51 -9.64 -1.16 19.99
C ARG A 51 -8.58 -1.23 21.07
N ASP A 52 -7.86 -2.33 21.13
CA ASP A 52 -6.89 -2.56 22.16
C ASP A 52 -5.45 -2.29 21.74
N TRP A 53 -5.06 -2.48 20.47
CA TRP A 53 -3.66 -2.64 20.06
C TRP A 53 -3.22 -1.72 18.94
N ALA A 54 -4.13 -1.22 18.11
CA ALA A 54 -3.74 -0.46 16.94
C ALA A 54 -3.06 0.88 17.26
N VAL A 55 -3.54 1.60 18.27
CA VAL A 55 -2.91 2.86 18.62
C VAL A 55 -1.48 2.59 19.07
N GLU A 56 -1.19 1.63 19.90
CA GLU A 56 0.18 1.33 20.29
C GLU A 56 1.03 0.90 19.13
N TYR A 57 0.54 0.07 18.23
CA TYR A 57 1.31 -0.39 17.07
C TYR A 57 1.87 0.79 16.23
N TYR A 58 1.00 1.75 15.92
CA TYR A 58 1.31 2.87 15.07
C TYR A 58 2.14 3.88 15.87
N THR A 59 1.86 4.12 17.17
CA THR A 59 2.63 5.00 18.09
C THR A 59 4.03 4.40 18.11
N GLN A 60 4.25 3.10 18.25
CA GLN A 60 5.60 2.56 18.22
C GLN A 60 6.37 2.79 16.93
N ARG A 61 5.69 2.79 15.81
CA ARG A 61 6.38 2.95 14.56
C ARG A 61 6.50 4.40 14.14
N ALA A 62 5.83 5.30 14.87
CA ALA A 62 5.89 6.73 14.59
C ALA A 62 6.92 7.36 15.49
N GLN A 63 7.80 6.59 16.18
CA GLN A 63 8.71 7.12 17.18
C GLN A 63 9.82 8.02 16.72
N ARG A 64 10.30 7.85 15.50
CA ARG A 64 11.31 8.74 14.98
C ARG A 64 10.51 9.91 14.38
N PRO A 65 10.61 11.15 14.86
CA PRO A 65 9.98 12.36 14.33
C PRO A 65 10.15 12.50 12.82
N GLY A 66 9.09 12.98 12.16
CA GLY A 66 9.11 13.33 10.75
C GLY A 66 9.02 12.09 9.88
N THR A 67 8.51 10.93 10.37
CA THR A 67 8.32 9.74 9.60
C THR A 67 7.01 9.79 8.87
N MET A 68 6.97 9.42 7.59
CA MET A 68 5.73 9.25 6.83
C MET A 68 5.18 7.84 7.03
N ILE A 69 3.94 7.61 7.49
CA ILE A 69 3.41 6.28 7.69
C ILE A 69 2.21 6.14 6.75
N ILE A 70 2.10 5.10 5.90
CA ILE A 70 0.92 4.88 5.06
C ILE A 70 0.22 3.74 5.81
N THR A 71 -1.06 3.80 6.15
CA THR A 71 -1.68 2.81 6.96
C THR A 71 -1.87 1.55 6.11
N GLU A 72 -2.22 0.47 6.81
CA GLU A 72 -2.79 -0.72 6.20
C GLU A 72 -3.90 -0.37 5.23
N GLY A 73 -4.25 -1.18 4.22
CA GLY A 73 -5.37 -0.82 3.36
C GLY A 73 -6.69 -0.74 4.14
N ALA A 74 -7.54 0.23 3.81
CA ALA A 74 -8.76 0.40 4.56
C ALA A 74 -9.84 0.41 3.52
N PHE A 75 -10.91 -0.33 3.72
CA PHE A 75 -11.94 -0.45 2.73
C PHE A 75 -12.71 0.81 2.65
N ILE A 76 -13.13 1.32 1.49
CA ILE A 76 -13.86 2.59 1.36
C ILE A 76 -15.34 2.37 1.64
N SER A 77 -15.86 1.13 1.67
CA SER A 77 -17.26 0.81 1.83
C SER A 77 -17.39 -0.69 2.01
N PRO A 78 -18.54 -1.24 2.41
CA PRO A 78 -18.68 -2.67 2.61
C PRO A 78 -18.57 -3.44 1.33
N GLN A 79 -19.07 -2.90 0.21
CA GLN A 79 -18.96 -3.57 -1.10
C GLN A 79 -17.50 -3.66 -1.56
N ALA A 80 -16.62 -2.75 -1.10
CA ALA A 80 -15.18 -2.71 -1.39
C ALA A 80 -14.42 -3.78 -0.62
N GLY A 81 -15.02 -4.38 0.41
CA GLY A 81 -14.37 -5.22 1.31
C GLY A 81 -14.56 -6.64 1.03
N GLY A 82 -14.65 -7.45 2.05
CA GLY A 82 -14.67 -8.87 1.79
C GLY A 82 -13.76 -9.62 2.72
N TYR A 83 -12.96 -8.98 3.59
CA TYR A 83 -12.14 -9.64 4.62
C TYR A 83 -12.66 -9.14 5.96
N ASP A 84 -13.06 -9.95 6.93
CA ASP A 84 -13.67 -9.49 8.15
C ASP A 84 -12.84 -8.71 9.11
N ASN A 85 -11.57 -8.98 8.99
CA ASN A 85 -10.70 -8.35 9.91
C ASN A 85 -9.77 -7.32 9.32
N ALA A 86 -10.14 -6.68 8.24
CA ALA A 86 -9.35 -5.56 7.77
C ALA A 86 -10.28 -4.43 8.08
N PRO A 87 -9.73 -3.25 8.36
CA PRO A 87 -10.50 -2.03 8.68
C PRO A 87 -11.18 -1.30 7.57
N GLY A 88 -12.21 -0.52 7.90
CA GLY A 88 -12.84 0.30 6.90
C GLY A 88 -12.71 1.77 7.33
N VAL A 89 -13.12 2.63 6.42
CA VAL A 89 -13.06 4.07 6.64
C VAL A 89 -14.40 4.70 6.20
N TRP A 90 -15.52 3.97 6.30
CA TRP A 90 -16.80 4.48 5.89
C TRP A 90 -17.70 4.80 7.07
N SER A 91 -17.61 4.22 8.26
CA SER A 91 -18.66 4.48 9.24
C SER A 91 -18.15 5.29 10.38
N GLU A 92 -19.06 5.88 11.16
CA GLU A 92 -18.70 6.69 12.33
C GLU A 92 -17.97 5.84 13.32
N GLU A 93 -18.34 4.59 13.61
CA GLU A 93 -17.60 3.82 14.61
C GLU A 93 -16.14 3.54 14.22
N GLN A 94 -15.86 3.36 12.94
CA GLN A 94 -14.50 3.16 12.46
C GLN A 94 -13.75 4.47 12.63
N MET A 95 -14.34 5.60 12.22
CA MET A 95 -13.61 6.88 12.26
C MET A 95 -13.31 7.32 13.66
N VAL A 96 -14.10 6.93 14.67
CA VAL A 96 -13.79 7.23 16.02
C VAL A 96 -12.46 6.62 16.41
N GLU A 97 -12.19 5.42 15.86
CA GLU A 97 -10.94 4.74 16.21
C GLU A 97 -9.75 5.18 15.40
N TRP A 98 -9.93 5.47 14.13
CA TRP A 98 -8.86 6.04 13.32
C TRP A 98 -8.44 7.40 13.87
N THR A 99 -9.35 8.26 14.37
CA THR A 99 -8.97 9.57 14.94
C THR A 99 -7.94 9.44 16.06
N LYS A 100 -8.13 8.44 16.87
CA LYS A 100 -7.22 8.20 17.91
C LYS A 100 -5.89 7.71 17.36
N ILE A 101 -5.84 6.92 16.30
CA ILE A 101 -4.60 6.51 15.71
C ILE A 101 -3.98 7.77 15.15
N PHE A 102 -4.65 8.65 14.39
CA PHE A 102 -4.01 9.83 13.74
C PHE A 102 -3.49 10.78 14.82
N ASN A 103 -4.22 10.98 15.93
CA ASN A 103 -3.74 11.85 17.00
C ASN A 103 -2.48 11.32 17.66
N ALA A 104 -2.38 10.04 17.92
CA ALA A 104 -1.19 9.45 18.52
C ALA A 104 -0.01 9.58 17.61
N ILE A 105 -0.16 9.40 16.31
CA ILE A 105 0.96 9.53 15.36
C ILE A 105 1.42 11.00 15.30
N HIS A 106 0.43 11.93 15.21
CA HIS A 106 0.76 13.32 15.19
C HIS A 106 1.33 13.77 16.53
N GLU A 107 0.99 13.28 17.72
CA GLU A 107 1.66 13.68 18.93
C GLU A 107 3.14 13.25 18.85
N LYS A 108 3.53 12.26 18.03
CA LYS A 108 4.91 11.88 17.86
C LYS A 108 5.55 12.69 16.77
N LYS A 109 4.88 13.64 16.15
CA LYS A 109 5.44 14.45 15.10
C LYS A 109 5.84 13.68 13.83
N SER A 110 5.04 12.64 13.55
CA SER A 110 5.10 11.93 12.28
C SER A 110 3.76 12.18 11.58
N PHE A 111 3.65 11.62 10.34
CA PHE A 111 2.57 11.90 9.41
C PHE A 111 1.83 10.65 9.09
N VAL A 112 0.60 10.73 8.55
CA VAL A 112 -0.18 9.52 8.39
C VAL A 112 -1.06 9.66 7.15
N TRP A 113 -0.92 8.77 6.19
CA TRP A 113 -1.69 8.79 4.97
C TRP A 113 -2.55 7.54 4.93
N VAL A 114 -3.83 7.56 4.54
CA VAL A 114 -4.64 6.37 4.66
C VAL A 114 -4.64 5.69 3.31
N GLN A 115 -4.38 4.37 3.18
CA GLN A 115 -4.44 3.73 1.91
C GLN A 115 -5.91 3.31 1.64
N LEU A 116 -6.51 3.75 0.54
CA LEU A 116 -7.86 3.37 0.26
C LEU A 116 -7.87 2.10 -0.56
N TRP A 117 -8.53 1.02 -0.08
CA TRP A 117 -8.48 -0.30 -0.67
C TRP A 117 -9.82 -0.76 -1.19
N VAL A 118 -9.90 -1.39 -2.37
CA VAL A 118 -11.13 -2.02 -2.95
C VAL A 118 -10.60 -3.37 -3.53
N LEU A 119 -11.16 -4.52 -3.09
CA LEU A 119 -10.62 -5.84 -3.35
C LEU A 119 -10.87 -6.39 -4.71
N GLY A 120 -12.01 -6.16 -5.30
CA GLY A 120 -12.30 -6.83 -6.57
C GLY A 120 -12.29 -8.34 -6.36
N TRP A 121 -11.59 -9.03 -7.27
CA TRP A 121 -11.67 -10.47 -7.30
C TRP A 121 -10.85 -11.08 -6.22
N ALA A 122 -10.13 -10.30 -5.40
CA ALA A 122 -9.38 -10.88 -4.31
C ALA A 122 -10.16 -11.09 -3.02
N ALA A 123 -11.37 -10.57 -3.05
CA ALA A 123 -12.31 -10.71 -1.95
C ALA A 123 -12.79 -12.13 -1.74
N PHE A 124 -13.21 -12.57 -0.53
CA PHE A 124 -13.78 -13.92 -0.39
C PHE A 124 -15.23 -13.95 -0.84
N PRO A 125 -15.75 -14.62 -1.87
CA PRO A 125 -17.12 -14.41 -2.39
C PRO A 125 -18.17 -14.79 -1.39
N ASP A 126 -17.77 -15.69 -0.48
CA ASP A 126 -18.62 -16.19 0.56
C ASP A 126 -18.87 -15.23 1.70
N ASN A 127 -17.91 -14.38 2.06
CA ASN A 127 -18.22 -13.40 3.09
C ASN A 127 -19.24 -12.40 2.55
N LEU A 128 -19.01 -12.08 1.27
CA LEU A 128 -19.77 -11.11 0.55
C LEU A 128 -21.18 -11.62 0.38
N ALA A 129 -21.35 -12.85 -0.06
CA ALA A 129 -22.64 -13.51 -0.17
C ALA A 129 -23.48 -13.42 1.13
N ARG A 130 -22.83 -13.72 2.25
CA ARG A 130 -23.41 -13.54 3.58
C ARG A 130 -24.00 -12.17 3.80
N ASP A 131 -23.27 -11.13 3.39
CA ASP A 131 -23.66 -9.78 3.72
C ASP A 131 -24.55 -9.15 2.70
N GLY A 132 -24.86 -9.89 1.66
CA GLY A 132 -25.74 -9.39 0.62
C GLY A 132 -25.00 -8.67 -0.49
N LEU A 133 -23.68 -8.84 -0.65
CA LEU A 133 -22.92 -7.98 -1.58
C LEU A 133 -22.43 -8.74 -2.82
N ARG A 134 -22.18 -8.07 -3.93
CA ARG A 134 -21.64 -8.70 -5.13
C ARG A 134 -20.20 -9.11 -5.03
N TYR A 135 -19.76 -10.07 -5.86
CA TYR A 135 -18.35 -10.46 -5.98
C TYR A 135 -17.98 -9.76 -7.27
N ASP A 136 -17.25 -8.67 -7.20
CA ASP A 136 -16.98 -7.82 -8.34
C ASP A 136 -15.70 -7.95 -9.11
N SER A 137 -15.58 -7.74 -10.39
CA SER A 137 -14.28 -7.55 -10.97
C SER A 137 -14.53 -6.79 -12.27
N ALA A 138 -13.46 -6.69 -13.02
CA ALA A 138 -13.49 -6.00 -14.27
C ALA A 138 -14.29 -6.80 -15.25
N SER A 139 -14.10 -8.13 -15.23
CA SER A 139 -14.75 -9.06 -16.17
C SER A 139 -15.34 -10.30 -15.48
N ASP A 140 -16.08 -11.10 -16.23
CA ASP A 140 -16.77 -12.26 -15.70
C ASP A 140 -16.32 -13.55 -16.27
N ASN A 141 -15.49 -13.50 -17.25
CA ASN A 141 -15.04 -14.71 -17.89
C ASN A 141 -13.58 -14.91 -17.57
N VAL A 142 -12.95 -14.37 -16.51
CA VAL A 142 -11.55 -14.59 -16.20
C VAL A 142 -11.57 -14.59 -14.68
N PHE A 143 -11.11 -15.62 -14.08
CA PHE A 143 -11.14 -15.71 -12.65
C PHE A 143 -9.74 -15.58 -12.06
N MET A 144 -9.63 -15.39 -10.75
CA MET A 144 -8.35 -15.19 -10.10
C MET A 144 -7.56 -16.48 -10.03
N ASP A 145 -8.18 -17.56 -9.51
CA ASP A 145 -7.57 -18.88 -9.40
C ASP A 145 -8.63 -19.92 -8.98
N ALA A 146 -8.15 -21.15 -8.88
CA ALA A 146 -8.88 -22.34 -8.48
C ALA A 146 -9.84 -22.22 -7.32
N GLU A 147 -9.27 -21.92 -6.15
CA GLU A 147 -10.07 -21.89 -4.96
C GLU A 147 -10.99 -20.68 -4.86
N GLN A 148 -10.77 -19.62 -5.69
CA GLN A 148 -11.55 -18.42 -5.65
C GLN A 148 -12.71 -18.79 -6.45
N GLU A 149 -12.57 -19.55 -7.55
CA GLU A 149 -13.83 -20.00 -8.21
C GLU A 149 -14.56 -21.12 -7.42
N ALA A 150 -13.81 -21.91 -6.64
CA ALA A 150 -14.40 -22.92 -5.74
C ALA A 150 -15.37 -22.18 -4.81
N LYS A 151 -14.78 -21.16 -4.15
CA LYS A 151 -15.47 -20.33 -3.20
C LYS A 151 -16.76 -19.75 -3.70
N ALA A 152 -16.65 -19.19 -4.87
CA ALA A 152 -17.72 -18.47 -5.47
C ALA A 152 -18.88 -19.34 -5.78
N LYS A 153 -18.64 -20.48 -6.38
CA LYS A 153 -19.78 -21.30 -6.71
C LYS A 153 -20.37 -21.92 -5.46
N LYS A 154 -19.66 -22.49 -4.48
CA LYS A 154 -20.30 -22.97 -3.26
C LYS A 154 -21.18 -21.84 -2.72
N ALA A 155 -20.64 -20.62 -2.73
CA ALA A 155 -21.32 -19.47 -2.20
C ALA A 155 -22.41 -18.96 -3.06
N ASN A 156 -22.46 -19.52 -4.23
CA ASN A 156 -23.38 -19.12 -5.27
C ASN A 156 -23.34 -17.61 -5.51
N ASN A 157 -22.12 -17.10 -5.58
CA ASN A 157 -21.91 -15.66 -5.71
C ASN A 157 -20.89 -15.53 -6.83
N PRO A 158 -21.40 -15.48 -8.03
CA PRO A 158 -20.59 -15.44 -9.25
C PRO A 158 -19.88 -14.11 -9.53
N GLN A 159 -18.69 -14.13 -10.15
CA GLN A 159 -17.91 -12.94 -10.43
C GLN A 159 -18.66 -12.14 -11.47
N HIS A 160 -18.85 -10.86 -11.17
CA HIS A 160 -19.63 -9.89 -11.92
C HIS A 160 -18.80 -8.82 -12.63
N SER A 161 -19.03 -8.43 -13.90
CA SER A 161 -18.35 -7.32 -14.51
C SER A 161 -19.17 -6.15 -14.15
N LEU A 162 -18.53 -5.14 -13.63
CA LEU A 162 -19.13 -3.92 -13.11
C LEU A 162 -19.79 -3.20 -14.25
N THR A 163 -20.89 -2.51 -14.05
CA THR A 163 -21.50 -1.72 -15.11
C THR A 163 -20.88 -0.35 -14.90
N LYS A 164 -21.01 0.55 -15.87
CA LYS A 164 -20.50 1.91 -15.75
C LYS A 164 -21.05 2.53 -14.50
N ASP A 165 -22.31 2.25 -14.27
CA ASP A 165 -23.04 2.72 -13.14
C ASP A 165 -22.49 2.41 -11.79
N GLU A 166 -22.11 1.16 -11.67
CA GLU A 166 -21.53 0.68 -10.48
C GLU A 166 -20.06 1.10 -10.37
N ILE A 167 -19.31 1.39 -11.47
CA ILE A 167 -17.94 1.97 -11.41
C ILE A 167 -18.15 3.36 -10.80
N LYS A 168 -19.13 4.20 -11.23
CA LYS A 168 -19.40 5.54 -10.68
C LYS A 168 -19.69 5.63 -9.18
N GLN A 169 -20.42 4.64 -8.69
CA GLN A 169 -20.71 4.44 -7.32
C GLN A 169 -19.42 4.16 -6.57
N TYR A 170 -18.45 3.43 -7.11
CA TYR A 170 -17.21 3.18 -6.41
C TYR A 170 -16.52 4.51 -6.43
N ILE A 171 -16.61 5.35 -7.43
CA ILE A 171 -15.92 6.61 -7.34
C ILE A 171 -16.52 7.47 -6.27
N LYS A 172 -17.86 7.46 -6.18
CA LYS A 172 -18.54 8.13 -5.10
C LYS A 172 -18.04 7.73 -3.72
N GLU A 173 -17.90 6.44 -3.46
CA GLU A 173 -17.38 5.97 -2.18
C GLU A 173 -15.92 6.30 -1.93
N TYR A 174 -15.02 6.28 -2.95
CA TYR A 174 -13.65 6.75 -2.82
C TYR A 174 -13.66 8.18 -2.32
N VAL A 175 -14.45 9.08 -2.88
CA VAL A 175 -14.43 10.48 -2.46
C VAL A 175 -14.88 10.63 -1.00
N GLN A 176 -15.95 9.95 -0.59
CA GLN A 176 -16.47 10.00 0.75
C GLN A 176 -15.47 9.51 1.71
N ALA A 177 -14.85 8.38 1.42
CA ALA A 177 -13.84 7.79 2.33
C ALA A 177 -12.60 8.63 2.42
N ALA A 178 -12.12 9.28 1.34
CA ALA A 178 -11.08 10.29 1.38
C ALA A 178 -11.56 11.52 2.19
N LYS A 179 -12.78 12.07 2.03
CA LYS A 179 -13.36 13.11 2.91
C LYS A 179 -13.35 12.66 4.34
N ASN A 180 -13.74 11.44 4.65
CA ASN A 180 -13.69 10.95 6.02
C ASN A 180 -12.34 10.88 6.67
N SER A 181 -11.31 10.49 5.90
CA SER A 181 -9.96 10.32 6.42
C SER A 181 -9.39 11.70 6.71
N ILE A 182 -9.60 12.69 5.83
CA ILE A 182 -9.11 14.03 6.05
C ILE A 182 -9.88 14.67 7.17
N ALA A 183 -11.21 14.64 7.20
CA ALA A 183 -12.00 15.12 8.33
C ALA A 183 -11.60 14.43 9.62
N ALA A 184 -11.29 13.14 9.74
CA ALA A 184 -10.82 12.62 11.02
C ALA A 184 -9.36 13.01 11.31
N GLY A 185 -8.65 13.72 10.40
CA GLY A 185 -7.30 14.15 10.73
C GLY A 185 -6.10 13.48 10.02
N ALA A 186 -6.29 12.67 8.98
CA ALA A 186 -5.17 12.12 8.26
C ALA A 186 -4.47 13.19 7.44
N ASP A 187 -3.19 13.03 7.15
CA ASP A 187 -2.50 14.04 6.32
C ASP A 187 -2.77 13.92 4.81
N GLY A 188 -3.28 12.76 4.37
CA GLY A 188 -3.52 12.49 2.95
C GLY A 188 -4.00 11.05 2.69
N VAL A 189 -4.23 10.66 1.43
CA VAL A 189 -4.69 9.32 1.15
C VAL A 189 -3.82 8.77 0.03
N GLU A 190 -3.54 7.46 0.00
CA GLU A 190 -2.91 6.80 -1.13
C GLU A 190 -3.97 5.94 -1.83
N ILE A 191 -4.11 6.11 -3.13
CA ILE A 191 -5.06 5.34 -3.89
C ILE A 191 -4.34 4.05 -4.19
N HIS A 192 -4.87 2.90 -3.75
CA HIS A 192 -4.24 1.61 -4.02
C HIS A 192 -4.67 1.18 -5.39
N SER A 193 -3.74 1.21 -6.33
CA SER A 193 -4.03 0.73 -7.66
C SER A 193 -2.96 -0.30 -8.03
N ALA A 194 -2.45 -1.14 -7.09
CA ALA A 194 -1.33 -2.07 -7.29
C ALA A 194 -1.85 -3.43 -6.79
N ASN A 195 -0.89 -4.38 -6.81
CA ASN A 195 -0.92 -5.70 -6.26
C ASN A 195 -2.15 -6.50 -6.59
N GLY A 196 -2.78 -6.26 -7.72
CA GLY A 196 -3.84 -7.13 -8.17
C GLY A 196 -5.19 -6.88 -7.60
N TYR A 197 -5.46 -5.80 -6.89
CA TYR A 197 -6.78 -5.56 -6.37
C TYR A 197 -7.64 -4.88 -7.42
N LEU A 198 -8.85 -4.30 -7.19
CA LEU A 198 -9.73 -3.92 -8.27
C LEU A 198 -9.15 -2.96 -9.27
N LEU A 199 -8.57 -1.82 -8.92
CA LEU A 199 -8.11 -0.91 -9.97
C LEU A 199 -7.00 -1.55 -10.84
N ASN A 200 -6.17 -2.40 -10.24
CA ASN A 200 -5.16 -3.06 -11.03
C ASN A 200 -5.84 -4.09 -11.91
N GLN A 201 -6.88 -4.82 -11.55
CA GLN A 201 -7.64 -5.67 -12.47
C GLN A 201 -8.19 -4.95 -13.69
N PHE A 202 -8.55 -3.67 -13.59
CA PHE A 202 -8.93 -2.92 -14.76
C PHE A 202 -7.67 -2.52 -15.54
N LEU A 203 -6.53 -2.16 -14.91
CA LEU A 203 -5.33 -1.82 -15.64
C LEU A 203 -4.74 -3.02 -16.41
N ASP A 204 -4.87 -4.27 -15.96
CA ASP A 204 -4.16 -5.35 -16.58
C ASP A 204 -4.89 -5.99 -17.74
N PRO A 205 -4.26 -6.22 -18.91
CA PRO A 205 -4.88 -6.89 -20.04
C PRO A 205 -5.34 -8.30 -19.76
N HIS A 206 -4.74 -9.06 -18.88
CA HIS A 206 -5.21 -10.35 -18.51
C HIS A 206 -6.56 -10.33 -17.82
N SER A 207 -6.74 -9.50 -16.79
CA SER A 207 -7.97 -9.47 -16.05
C SER A 207 -9.00 -8.57 -16.70
N ASN A 208 -8.68 -7.77 -17.68
CA ASN A 208 -9.66 -6.85 -18.17
C ASN A 208 -9.89 -7.18 -19.63
N THR A 209 -10.98 -7.92 -19.90
CA THR A 209 -11.32 -8.23 -21.26
C THR A 209 -12.57 -7.48 -21.64
N ARG A 210 -12.81 -6.29 -21.09
CA ARG A 210 -13.97 -5.52 -21.43
C ARG A 210 -13.76 -4.92 -22.83
N THR A 211 -14.85 -4.55 -23.46
CA THR A 211 -14.79 -3.92 -24.74
C THR A 211 -15.47 -2.59 -24.66
N ASP A 212 -15.94 -2.13 -23.51
CA ASP A 212 -16.56 -0.82 -23.47
C ASP A 212 -15.46 0.23 -23.27
N GLU A 213 -15.78 1.38 -22.72
CA GLU A 213 -14.85 2.46 -22.50
C GLU A 213 -13.89 2.17 -21.39
N TYR A 214 -14.13 1.11 -20.62
CA TYR A 214 -13.22 0.72 -19.57
C TYR A 214 -12.27 -0.42 -19.90
N GLY A 215 -12.33 -0.94 -21.12
CA GLY A 215 -11.40 -1.98 -21.52
C GLY A 215 -11.03 -1.77 -22.97
N GLY A 216 -10.10 -2.57 -23.42
CA GLY A 216 -9.81 -2.61 -24.84
C GLY A 216 -8.64 -1.82 -25.33
N SER A 217 -8.02 -0.89 -24.60
CA SER A 217 -6.84 -0.19 -25.05
C SER A 217 -6.16 0.26 -23.81
N ILE A 218 -4.95 0.71 -23.98
CA ILE A 218 -4.19 1.35 -22.90
C ILE A 218 -4.99 2.44 -22.16
N GLU A 219 -5.51 3.40 -22.93
CA GLU A 219 -6.27 4.52 -22.38
C GLU A 219 -7.55 4.11 -21.63
N ASN A 220 -8.25 3.10 -22.10
CA ASN A 220 -9.49 2.68 -21.50
C ASN A 220 -9.21 1.88 -20.29
N ARG A 221 -8.13 1.10 -20.32
CA ARG A 221 -7.74 0.27 -19.17
C ARG A 221 -7.31 1.18 -18.02
N ALA A 222 -6.73 2.36 -18.29
CA ALA A 222 -6.31 3.30 -17.26
C ALA A 222 -7.45 4.19 -16.71
N ARG A 223 -8.59 4.21 -17.41
CA ARG A 223 -9.67 5.13 -17.17
C ARG A 223 -10.20 5.13 -15.74
N PHE A 224 -10.42 3.96 -15.14
CA PHE A 224 -10.95 3.95 -13.78
C PHE A 224 -9.91 4.51 -12.80
N THR A 225 -8.64 4.08 -12.80
CA THR A 225 -7.64 4.68 -11.92
C THR A 225 -7.59 6.17 -12.15
N LEU A 226 -7.56 6.70 -13.39
CA LEU A 226 -7.49 8.14 -13.57
C LEU A 226 -8.74 8.90 -13.10
N GLU A 227 -9.96 8.39 -13.29
CA GLU A 227 -11.17 9.02 -12.76
C GLU A 227 -11.13 9.10 -11.24
N VAL A 228 -10.70 8.05 -10.56
CA VAL A 228 -10.49 8.05 -9.14
C VAL A 228 -9.45 9.13 -8.81
N VAL A 229 -8.30 9.28 -9.45
CA VAL A 229 -7.33 10.37 -9.19
C VAL A 229 -8.04 11.69 -9.31
N ASP A 230 -8.77 11.90 -10.39
CA ASP A 230 -9.38 13.17 -10.59
C ASP A 230 -10.50 13.58 -9.67
N ALA A 231 -11.35 12.64 -9.34
CA ALA A 231 -12.35 12.84 -8.33
C ALA A 231 -11.70 13.16 -6.99
N LEU A 232 -10.62 12.49 -6.49
CA LEU A 232 -10.10 12.79 -5.18
C LEU A 232 -9.33 14.08 -5.18
N VAL A 233 -8.71 14.42 -6.31
CA VAL A 233 -8.03 15.67 -6.41
C VAL A 233 -9.13 16.76 -6.37
N GLU A 234 -10.30 16.76 -7.06
CA GLU A 234 -11.37 17.75 -6.85
C GLU A 234 -11.86 17.76 -5.40
N ALA A 235 -12.06 16.60 -4.73
CA ALA A 235 -12.58 16.49 -3.40
C ALA A 235 -11.67 17.10 -2.38
N ILE A 236 -10.38 16.67 -2.28
CA ILE A 236 -9.51 17.10 -1.20
C ILE A 236 -8.18 17.73 -1.54
N GLY A 237 -7.87 17.91 -2.80
CA GLY A 237 -6.65 18.55 -3.18
C GLY A 237 -5.55 17.59 -3.59
N HIS A 238 -4.79 17.94 -4.64
CA HIS A 238 -3.73 17.06 -5.12
C HIS A 238 -2.56 16.89 -4.17
N GLU A 239 -2.32 17.79 -3.24
CA GLU A 239 -1.17 17.64 -2.38
C GLU A 239 -1.56 16.70 -1.26
N LYS A 240 -2.82 16.24 -1.19
CA LYS A 240 -3.21 15.24 -0.23
C LYS A 240 -3.48 13.92 -0.93
N VAL A 241 -3.09 13.63 -2.17
CA VAL A 241 -3.35 12.33 -2.82
C VAL A 241 -2.01 11.76 -3.35
N GLY A 242 -1.77 10.46 -3.11
CA GLY A 242 -0.70 9.62 -3.61
C GLY A 242 -1.30 8.46 -4.42
N LEU A 243 -0.54 7.85 -5.31
CA LEU A 243 -0.98 6.71 -6.11
C LEU A 243 -0.01 5.55 -6.02
N ARG A 244 -0.40 4.34 -5.68
CA ARG A 244 0.53 3.21 -5.68
C ARG A 244 0.26 2.30 -6.93
N LEU A 245 1.35 1.90 -7.59
CA LEU A 245 1.41 1.13 -8.81
C LEU A 245 2.39 -0.06 -8.63
N SER A 246 2.20 -1.27 -9.18
CA SER A 246 3.25 -2.26 -9.13
C SER A 246 3.38 -2.78 -10.55
N PRO A 247 4.07 -2.11 -11.48
CA PRO A 247 4.11 -2.49 -12.88
C PRO A 247 4.39 -3.96 -13.11
N TYR A 248 5.33 -4.52 -12.36
CA TYR A 248 5.82 -5.88 -12.63
C TYR A 248 5.27 -6.91 -11.70
N GLY A 249 4.28 -6.59 -10.86
CA GLY A 249 3.75 -7.57 -9.93
C GLY A 249 2.92 -8.63 -10.65
N VAL A 250 2.97 -9.81 -10.02
CA VAL A 250 2.20 -10.94 -10.52
C VAL A 250 1.29 -11.40 -9.36
N PHE A 251 1.35 -10.88 -8.12
CA PHE A 251 0.45 -11.31 -7.05
C PHE A 251 -0.99 -11.00 -7.47
N ASN A 252 -1.91 -11.92 -7.14
CA ASN A 252 -3.33 -11.88 -7.43
C ASN A 252 -3.58 -11.96 -8.90
N SER A 253 -2.70 -12.66 -9.60
CA SER A 253 -2.85 -13.02 -11.02
C SER A 253 -2.73 -11.93 -12.06
N MET A 254 -1.80 -11.00 -11.80
CA MET A 254 -1.56 -9.92 -12.74
C MET A 254 -0.48 -10.38 -13.70
N SER A 255 -0.36 -9.70 -14.83
CA SER A 255 0.54 -10.18 -15.83
C SER A 255 2.03 -10.03 -15.55
N GLY A 256 2.56 -8.92 -15.00
CA GLY A 256 3.97 -8.82 -14.77
C GLY A 256 4.66 -8.61 -16.09
N GLY A 257 6.00 -8.88 -16.12
CA GLY A 257 6.90 -8.71 -17.31
C GLY A 257 6.65 -9.58 -18.56
N ALA A 258 5.92 -10.64 -18.32
CA ALA A 258 5.43 -11.50 -19.37
C ALA A 258 4.47 -10.79 -20.32
N GLU A 259 3.71 -9.77 -19.92
CA GLU A 259 2.89 -9.06 -20.85
C GLU A 259 3.78 -8.08 -21.60
N THR A 260 3.94 -8.09 -22.95
CA THR A 260 4.86 -7.17 -23.57
C THR A 260 4.38 -5.77 -23.52
N GLY A 261 3.11 -5.56 -23.40
CA GLY A 261 2.56 -4.23 -23.35
C GLY A 261 2.54 -3.61 -21.94
N ILE A 262 3.17 -4.21 -20.93
CA ILE A 262 2.99 -3.73 -19.60
C ILE A 262 3.68 -2.42 -19.38
N VAL A 263 4.92 -2.17 -19.85
CA VAL A 263 5.59 -0.91 -19.61
C VAL A 263 4.74 0.19 -20.25
N ALA A 264 4.15 0.03 -21.45
CA ALA A 264 3.40 1.10 -22.08
C ALA A 264 2.14 1.39 -21.30
N GLN A 265 1.54 0.42 -20.66
CA GLN A 265 0.37 0.63 -19.84
C GLN A 265 0.75 1.49 -18.66
N TYR A 266 1.85 1.24 -18.00
CA TYR A 266 2.21 2.03 -16.87
C TYR A 266 2.85 3.34 -17.30
N ALA A 267 3.54 3.47 -18.44
CA ALA A 267 4.07 4.73 -18.90
C ALA A 267 2.96 5.72 -19.21
N TYR A 268 1.82 5.24 -19.66
CA TYR A 268 0.69 6.10 -19.96
C TYR A 268 0.10 6.72 -18.69
N VAL A 269 -0.09 5.92 -17.65
CA VAL A 269 -0.60 6.40 -16.38
C VAL A 269 0.41 7.43 -15.89
N ALA A 270 1.74 7.18 -15.84
CA ALA A 270 2.71 8.18 -15.40
C ALA A 270 2.65 9.44 -16.25
N GLY A 271 2.42 9.39 -17.56
CA GLY A 271 2.42 10.58 -18.39
C GLY A 271 1.18 11.39 -18.13
N GLU A 272 0.04 10.75 -17.90
CA GLU A 272 -1.16 11.51 -17.59
C GLU A 272 -1.03 12.20 -16.24
N LEU A 273 -0.33 11.60 -15.32
CA LEU A 273 -0.14 12.28 -14.07
C LEU A 273 0.76 13.50 -14.23
N GLU A 274 1.86 13.43 -14.98
CA GLU A 274 2.65 14.63 -15.21
C GLU A 274 1.90 15.71 -16.00
N LYS A 275 0.95 15.35 -16.87
CA LYS A 275 0.12 16.22 -17.63
C LYS A 275 -0.62 17.11 -16.66
N ARG A 276 -1.31 16.47 -15.72
CA ARG A 276 -2.01 17.14 -14.65
C ARG A 276 -1.08 17.99 -13.82
N ALA A 277 0.18 17.58 -13.65
CA ALA A 277 1.15 18.35 -12.82
C ALA A 277 1.50 19.70 -13.44
N LYS A 278 1.30 19.79 -14.74
CA LYS A 278 1.53 20.99 -15.57
C LYS A 278 0.34 21.90 -15.42
N ALA A 279 -0.82 21.29 -15.59
CA ALA A 279 -2.06 21.94 -15.28
C ALA A 279 -2.31 22.30 -13.81
N GLY A 280 -1.26 22.40 -12.95
CA GLY A 280 -1.38 22.71 -11.56
C GLY A 280 -1.62 21.54 -10.62
N LYS A 281 -2.07 20.36 -10.98
CA LYS A 281 -2.37 19.31 -10.02
C LYS A 281 -1.44 18.13 -9.88
N ARG A 282 -0.27 18.38 -9.30
CA ARG A 282 0.72 17.35 -9.09
C ARG A 282 0.43 16.63 -7.79
N LEU A 283 0.21 15.35 -7.90
CA LEU A 283 -0.01 14.44 -6.78
C LEU A 283 1.19 14.52 -5.87
N ALA A 284 0.94 14.20 -4.62
CA ALA A 284 1.97 14.28 -3.65
C ALA A 284 3.05 13.31 -4.02
N PHE A 285 2.82 12.12 -4.61
CA PHE A 285 3.91 11.20 -4.82
C PHE A 285 3.38 10.09 -5.69
N VAL A 286 4.26 9.22 -6.17
CA VAL A 286 3.87 8.02 -6.87
C VAL A 286 4.57 6.92 -6.09
N HIS A 287 3.91 5.81 -5.76
CA HIS A 287 4.52 4.85 -4.89
C HIS A 287 4.65 3.63 -5.74
N LEU A 288 5.84 3.11 -5.92
CA LEU A 288 6.00 1.98 -6.80
C LEU A 288 6.48 0.71 -6.09
N VAL A 289 5.89 -0.49 -6.39
CA VAL A 289 6.49 -1.68 -5.85
C VAL A 289 7.55 -2.07 -6.89
N GLU A 290 8.75 -2.51 -6.47
CA GLU A 290 9.84 -2.80 -7.34
C GLU A 290 9.74 -4.21 -7.92
N PRO A 291 10.34 -4.55 -9.10
CA PRO A 291 10.42 -5.91 -9.61
C PRO A 291 11.18 -6.79 -8.62
N ARG A 292 11.90 -6.28 -7.63
CA ARG A 292 12.62 -7.05 -6.63
C ARG A 292 11.64 -7.93 -5.85
N VAL A 293 10.37 -7.54 -5.83
CA VAL A 293 9.38 -8.29 -5.11
C VAL A 293 8.13 -8.38 -6.00
N THR A 294 7.91 -9.47 -6.74
CA THR A 294 6.67 -9.55 -7.55
C THR A 294 5.50 -10.24 -6.84
N ASN A 295 5.79 -10.85 -5.69
CA ASN A 295 4.75 -11.42 -4.87
C ASN A 295 5.17 -11.17 -3.42
N PRO A 296 4.50 -10.42 -2.51
CA PRO A 296 4.96 -10.17 -1.13
C PRO A 296 4.85 -11.37 -0.20
N PHE A 297 4.29 -12.51 -0.62
CA PHE A 297 4.20 -13.73 0.16
C PHE A 297 5.47 -14.56 -0.06
N LEU A 298 6.30 -14.31 -1.06
CA LEU A 298 7.59 -14.96 -1.26
C LEU A 298 8.72 -14.39 -0.40
N THR A 299 9.60 -15.17 0.22
CA THR A 299 10.74 -14.69 1.00
C THR A 299 11.64 -13.81 0.11
N GLU A 300 12.24 -12.81 0.76
CA GLU A 300 13.17 -11.87 0.14
C GLU A 300 14.16 -12.60 -0.71
N GLY A 301 14.14 -12.24 -1.95
CA GLY A 301 15.08 -12.79 -2.89
C GLY A 301 14.39 -13.76 -3.85
N GLU A 302 13.26 -14.26 -3.39
CA GLU A 302 12.37 -15.04 -4.21
C GLU A 302 11.42 -14.18 -5.03
N GLY A 303 11.28 -14.58 -6.27
CA GLY A 303 10.36 -13.92 -7.20
C GLY A 303 10.81 -12.54 -7.69
N GLU A 304 12.08 -12.37 -7.83
CA GLU A 304 12.67 -11.15 -8.27
C GLU A 304 12.53 -11.18 -9.79
N TYR A 305 12.14 -10.13 -10.47
CA TYR A 305 11.96 -10.11 -11.91
C TYR A 305 13.14 -9.25 -12.40
N GLU A 306 14.03 -9.84 -13.16
CA GLU A 306 15.15 -9.03 -13.56
C GLU A 306 15.07 -8.62 -15.00
N GLY A 307 14.03 -8.88 -15.76
CA GLY A 307 13.99 -8.45 -17.16
C GLY A 307 13.43 -7.06 -17.40
N GLY A 308 13.19 -6.29 -16.34
CA GLY A 308 12.65 -4.95 -16.44
C GLY A 308 12.92 -4.21 -15.14
N SER A 309 12.70 -2.91 -15.27
CA SER A 309 13.02 -1.99 -14.21
C SER A 309 11.97 -0.89 -14.18
N ASN A 310 11.81 -0.28 -13.00
CA ASN A 310 10.89 0.85 -12.86
C ASN A 310 11.50 2.17 -13.24
N ASP A 311 12.72 2.24 -13.74
CA ASP A 311 13.38 3.51 -13.97
C ASP A 311 12.73 4.25 -15.09
N PHE A 312 11.95 3.62 -15.96
CA PHE A 312 11.29 4.40 -16.98
C PHE A 312 10.36 5.47 -16.36
N VAL A 313 9.83 5.31 -15.15
CA VAL A 313 8.91 6.30 -14.56
C VAL A 313 9.63 7.59 -14.40
N TYR A 314 10.88 7.62 -14.05
CA TYR A 314 11.62 8.82 -13.86
C TYR A 314 11.77 9.58 -15.15
N SER A 315 11.75 9.01 -16.36
CA SER A 315 11.86 9.83 -17.53
C SER A 315 10.57 10.61 -17.71
N ILE A 316 9.44 10.13 -17.16
CA ILE A 316 8.12 10.69 -17.36
C ILE A 316 7.58 11.53 -16.17
N TRP A 317 7.36 10.96 -14.98
CA TRP A 317 6.84 11.64 -13.82
C TRP A 317 7.99 12.36 -13.17
N LYS A 318 7.76 13.64 -12.81
CA LYS A 318 8.87 14.44 -12.29
C LYS A 318 8.67 14.88 -10.86
N GLY A 319 7.78 14.20 -10.16
CA GLY A 319 7.63 14.51 -8.72
C GLY A 319 8.28 13.48 -7.82
N PRO A 320 8.00 13.38 -6.53
CA PRO A 320 8.55 12.36 -5.64
C PRO A 320 8.12 10.94 -6.04
N VAL A 321 9.01 9.93 -5.98
CA VAL A 321 8.55 8.57 -6.10
C VAL A 321 9.05 7.81 -4.84
N ILE A 322 8.15 6.99 -4.30
CA ILE A 322 8.49 6.08 -3.19
C ILE A 322 8.72 4.74 -3.81
N ARG A 323 9.79 4.04 -3.49
CA ARG A 323 10.07 2.76 -4.11
C ARG A 323 10.09 1.75 -2.99
N ALA A 324 9.42 0.60 -3.15
CA ALA A 324 9.48 -0.45 -2.13
C ALA A 324 9.77 -1.87 -2.62
N GLY A 325 10.48 -2.65 -1.84
CA GLY A 325 10.78 -4.01 -2.22
C GLY A 325 12.16 -4.53 -1.89
N ASN A 326 12.30 -5.33 -0.81
CA ASN A 326 13.52 -5.96 -0.32
C ASN A 326 14.73 -5.01 -0.27
N PHE A 327 14.52 -3.87 0.35
CA PHE A 327 15.56 -2.88 0.49
C PHE A 327 16.18 -2.91 1.88
N ALA A 328 15.57 -3.52 2.92
CA ALA A 328 16.09 -3.55 4.29
C ALA A 328 17.33 -4.42 4.34
N LEU A 329 17.32 -5.53 3.63
CA LEU A 329 18.49 -6.38 3.61
C LEU A 329 19.51 -5.91 2.60
N HIS A 330 19.32 -4.75 1.91
CA HIS A 330 20.25 -4.31 0.87
C HIS A 330 20.58 -2.87 0.99
N PRO A 331 21.34 -2.41 1.97
CA PRO A 331 21.67 -1.03 2.14
C PRO A 331 22.59 -0.64 1.01
N GLU A 332 23.34 -1.54 0.39
CA GLU A 332 24.19 -1.19 -0.75
C GLU A 332 23.33 -0.80 -1.91
N VAL A 333 22.19 -1.43 -2.13
CA VAL A 333 21.29 -0.99 -3.16
C VAL A 333 20.67 0.37 -2.75
N VAL A 334 20.15 0.61 -1.56
CA VAL A 334 19.57 1.86 -1.16
C VAL A 334 20.53 3.02 -1.35
N ARG A 335 21.77 2.86 -0.95
CA ARG A 335 22.77 3.94 -1.10
C ARG A 335 22.84 4.43 -2.55
N GLU A 336 22.66 3.53 -3.48
CA GLU A 336 22.70 3.97 -4.84
C GLU A 336 21.42 4.58 -5.24
N GLU A 337 20.30 4.05 -4.78
CA GLU A 337 19.02 4.57 -5.22
C GLU A 337 18.70 5.92 -4.66
N VAL A 338 19.09 6.27 -3.45
CA VAL A 338 18.79 7.60 -2.96
C VAL A 338 19.82 8.67 -3.40
N LYS A 339 20.82 8.40 -4.26
CA LYS A 339 21.63 9.48 -4.84
C LYS A 339 20.66 10.33 -5.63
N ASP A 340 19.56 9.74 -6.09
CA ASP A 340 18.48 10.48 -6.73
C ASP A 340 17.85 11.35 -5.65
N LYS A 341 17.70 12.64 -5.98
CA LYS A 341 17.28 13.54 -4.95
C LYS A 341 15.77 13.53 -4.73
N ARG A 342 14.94 12.80 -5.46
CA ARG A 342 13.49 12.79 -5.20
C ARG A 342 12.96 11.34 -4.92
N THR A 343 13.73 10.41 -4.39
CA THR A 343 13.39 9.02 -4.18
C THR A 343 13.29 8.72 -2.68
N LEU A 344 12.22 8.06 -2.18
CA LEU A 344 12.00 7.66 -0.79
C LEU A 344 11.96 6.18 -0.86
N ILE A 345 12.35 5.52 0.19
CA ILE A 345 12.40 4.07 0.23
C ILE A 345 11.38 3.53 1.25
N GLY A 346 10.47 2.67 0.81
CA GLY A 346 9.57 2.03 1.69
C GLY A 346 10.18 0.76 2.23
N TYR A 347 9.97 0.47 3.50
CA TYR A 347 10.49 -0.73 4.14
C TYR A 347 9.28 -1.43 4.71
N GLY A 348 8.77 -2.54 4.18
CA GLY A 348 7.53 -3.19 4.68
C GLY A 348 7.79 -4.20 5.81
N ARG A 349 8.13 -5.43 5.43
CA ARG A 349 8.38 -6.49 6.37
C ARG A 349 9.35 -6.19 7.49
N PHE A 350 10.44 -5.42 7.36
CA PHE A 350 11.24 -5.13 8.54
C PHE A 350 10.72 -4.01 9.38
N PHE A 351 9.72 -3.21 8.96
CA PHE A 351 9.10 -2.24 9.83
C PHE A 351 8.08 -2.98 10.73
N ILE A 352 7.60 -4.18 10.29
CA ILE A 352 6.81 -5.08 11.11
C ILE A 352 7.67 -5.49 12.27
N SER A 353 8.85 -6.09 12.12
CA SER A 353 9.59 -6.53 13.25
C SER A 353 10.41 -5.43 13.94
N ASN A 354 10.56 -4.21 13.43
CA ASN A 354 11.49 -3.28 14.07
C ASN A 354 10.84 -1.95 14.18
N PRO A 355 10.23 -1.69 15.34
CA PRO A 355 9.61 -0.41 15.60
C PRO A 355 10.52 0.75 15.45
N ASP A 356 11.79 0.50 15.80
CA ASP A 356 12.77 1.54 15.69
C ASP A 356 13.66 1.36 14.44
N LEU A 357 13.11 1.03 13.28
CA LEU A 357 13.92 0.80 12.10
C LEU A 357 14.71 2.01 11.72
N VAL A 358 14.15 3.19 11.83
CA VAL A 358 14.85 4.34 11.27
C VAL A 358 16.16 4.51 12.04
N ASP A 359 16.24 4.36 13.37
CA ASP A 359 17.52 4.47 14.07
C ASP A 359 18.49 3.42 13.67
N ARG A 360 17.98 2.21 13.46
CA ARG A 360 18.80 1.08 13.07
C ARG A 360 19.44 1.33 11.68
N LEU A 361 18.70 1.96 10.76
CA LEU A 361 19.16 2.32 9.41
C LEU A 361 20.25 3.39 9.49
N GLU A 362 20.00 4.37 10.31
CA GLU A 362 20.87 5.52 10.49
C GLU A 362 22.19 5.08 11.07
N LYS A 363 22.17 4.10 11.96
CA LYS A 363 23.34 3.77 12.65
C LYS A 363 23.88 2.46 12.19
N GLY A 364 23.26 1.67 11.31
CA GLY A 364 23.82 0.39 10.95
C GLY A 364 23.72 -0.63 12.05
N LEU A 365 22.60 -0.75 12.75
CA LEU A 365 22.44 -1.69 13.86
C LEU A 365 21.81 -2.96 13.33
N PRO A 366 21.91 -4.14 13.94
CA PRO A 366 21.26 -5.31 13.42
C PRO A 366 19.77 -5.14 13.57
N LEU A 367 19.17 -6.04 12.79
CA LEU A 367 17.76 -6.07 12.42
C LEU A 367 17.05 -7.25 13.06
N ASN A 368 15.96 -7.10 13.86
CA ASN A 368 15.12 -8.19 14.34
C ASN A 368 14.55 -9.01 13.18
N LYS A 369 14.63 -10.32 13.30
CA LYS A 369 13.92 -11.18 12.38
C LYS A 369 12.43 -10.91 12.56
N TYR A 370 11.68 -11.03 11.43
CA TYR A 370 10.22 -11.02 11.48
C TYR A 370 9.63 -12.44 11.62
N ASP A 371 8.42 -12.60 12.17
CA ASP A 371 7.78 -13.86 12.34
C ASP A 371 6.57 -13.79 11.46
N ARG A 372 6.65 -14.46 10.34
CA ARG A 372 5.61 -14.54 9.36
C ARG A 372 4.36 -15.07 9.98
N ASP A 373 4.51 -15.94 10.99
CA ASP A 373 3.33 -16.59 11.55
C ASP A 373 2.46 -15.60 12.24
N THR A 374 2.94 -14.42 12.64
CA THR A 374 2.01 -13.50 13.30
C THR A 374 1.70 -12.33 12.36
N PHE A 375 1.90 -12.36 11.02
CA PHE A 375 1.60 -11.21 10.17
C PHE A 375 0.12 -10.98 10.22
N TYR A 376 -0.68 -12.06 10.20
CA TYR A 376 -2.11 -11.96 10.16
C TYR A 376 -2.85 -12.60 11.36
N GLN A 377 -2.25 -12.86 12.49
CA GLN A 377 -2.93 -13.35 13.68
C GLN A 377 -3.76 -12.32 14.45
N MET A 378 -4.76 -12.74 15.21
CA MET A 378 -5.51 -11.77 15.97
C MET A 378 -4.82 -11.87 17.31
N SER A 379 -3.72 -11.15 17.44
CA SER A 379 -2.91 -11.21 18.63
C SER A 379 -2.09 -9.95 18.78
N ALA A 380 -1.66 -9.58 20.00
CA ALA A 380 -0.71 -8.53 20.31
C ALA A 380 0.66 -9.10 20.03
N HIS A 381 0.83 -10.39 20.26
CA HIS A 381 2.07 -11.12 19.96
C HIS A 381 2.34 -11.11 18.46
N GLY A 382 3.60 -10.76 18.10
CA GLY A 382 3.95 -10.57 16.70
C GLY A 382 3.37 -9.24 16.24
N TYR A 383 2.78 -8.37 17.04
CA TYR A 383 2.26 -7.09 16.60
C TYR A 383 2.86 -5.95 17.37
N ILE A 384 2.63 -5.91 18.68
CA ILE A 384 3.14 -4.82 19.44
C ILE A 384 4.27 -5.18 20.37
N ASP A 385 4.77 -6.41 20.28
CA ASP A 385 5.78 -6.77 21.26
C ASP A 385 7.15 -7.00 20.64
N TYR A 386 7.43 -6.62 19.39
CA TYR A 386 8.80 -6.70 18.87
C TYR A 386 9.67 -5.66 19.63
N PRO A 387 10.87 -5.92 20.17
CA PRO A 387 11.65 -4.97 20.87
C PRO A 387 12.35 -3.92 20.04
N THR A 388 12.60 -2.79 20.67
CA THR A 388 13.53 -1.83 20.07
C THR A 388 14.94 -2.46 20.29
N TYR A 389 15.99 -1.89 19.67
CA TYR A 389 17.36 -2.35 19.89
C TYR A 389 17.77 -2.40 21.36
N GLU A 390 17.50 -1.41 22.15
CA GLU A 390 17.76 -1.35 23.58
C GLU A 390 17.19 -2.53 24.37
N GLU A 391 15.86 -2.76 24.20
CA GLU A 391 15.11 -3.83 24.83
C GLU A 391 15.60 -5.15 24.36
N ALA A 392 15.92 -5.25 23.06
CA ALA A 392 16.51 -6.46 22.50
C ALA A 392 17.88 -6.77 23.16
N LEU A 393 18.71 -5.77 23.50
CA LEU A 393 19.96 -6.01 24.21
C LEU A 393 19.60 -6.43 25.65
N LYS A 394 18.69 -5.73 26.35
CA LYS A 394 18.29 -6.11 27.67
C LYS A 394 17.77 -7.54 27.65
N LEU A 395 17.24 -7.99 26.54
CA LEU A 395 16.76 -9.35 26.41
C LEU A 395 17.82 -10.32 26.03
N GLY A 396 19.00 -9.87 25.68
CA GLY A 396 20.05 -10.80 25.38
C GLY A 396 20.02 -11.23 23.95
N TRP A 397 19.44 -10.50 22.96
CA TRP A 397 19.49 -11.05 21.59
C TRP A 397 20.86 -11.11 20.89
N ASP A 398 21.79 -11.06 21.82
CA ASP A 398 23.17 -11.39 21.86
C ASP A 398 23.80 -10.15 21.44
N LYS A 399 24.10 -9.98 22.74
CA LYS A 399 24.58 -8.83 23.42
C LYS A 399 23.40 -8.75 24.40
N LYS A 400 23.69 -8.42 25.66
CA LYS A 400 22.83 -8.51 26.83
C LYS A 400 23.33 -7.51 27.87
#